data_5CM6
#
_entry.id   5CM6
#
_cell.length_a   83.345
_cell.length_b   83.345
_cell.length_c   198.082
_cell.angle_alpha   90.000
_cell.angle_beta   90.000
_cell.angle_gamma   90.000
#
_symmetry.space_group_name_H-M   'P 43 21 2'
#
loop_
_entity.id
_entity.type
_entity.pdbx_description
1 polymer 'TRAP dicarboxylate transporter-DctP subunit'
2 non-polymer 'PYRUVIC ACID'
3 non-polymer 'SODIUM ION'
4 water water
#
_entity_poly.entity_id   1
_entity_poly.type   'polypeptide(L)'
_entity_poly.pdbx_seq_one_letter_code
;(MSE)HHHHHHSSGVDLGTENLYFQS(MSE)ADGKKYRWRLAETWGPNFPIFGDASKN(MSE)AK(MSE)VKE(MSE)SD
GRLTIRIDSANKHKSALGIFDFVKSGQYQ(MSE)GHSASYYWKGKDFNT(MSE)FFTTVPFG(MSE)TAPEQYAWFYYGG
G(MSE)EL(MSE)KETYDQYGILSFPGGNTGVQ(MSE)GGWFRKEINTVEDLKGLK(MSE)RIPGFAGEVLAKLGASPTN
IPSAELYTALERNTIDALEWVGPSLDLR(MSE)GFHKIAPYYYTGWQEPATELQF(MSE)VNQKAYDSLPADLQKILTVA
(MSE)KTAAYD(MSE)YSQSTHENGVNLKALQSEYPNVKIRTFPQPV(MSE)NAIRDANDELLAEFAAKDKETAKILKSI
KTYQEQVRAWTKFADQAYLESFESNE
;
_entity_poly.pdbx_strand_id   A,B
#
# COMPACT_ATOMS: atom_id res chain seq x y z
N LYS A 27 -20.89 -15.04 26.11
CA LYS A 27 -21.40 -13.68 25.91
C LYS A 27 -20.24 -12.69 25.97
N LYS A 28 -19.17 -13.10 26.65
CA LYS A 28 -17.92 -12.34 26.65
C LYS A 28 -16.74 -13.29 26.50
N TYR A 29 -15.92 -13.02 25.48
CA TYR A 29 -14.82 -13.88 25.07
C TYR A 29 -13.46 -13.35 25.48
N ARG A 30 -12.63 -14.21 26.05
CA ARG A 30 -11.27 -13.88 26.39
C ARG A 30 -10.39 -14.82 25.61
N TRP A 31 -9.61 -14.28 24.67
CA TRP A 31 -8.75 -15.09 23.78
C TRP A 31 -7.30 -14.78 24.09
N ARG A 32 -6.41 -15.70 23.75
CA ARG A 32 -4.98 -15.47 23.88
C ARG A 32 -4.31 -15.56 22.53
N LEU A 33 -3.35 -14.67 22.29
CA LEU A 33 -2.58 -14.67 21.05
C LEU A 33 -1.14 -14.93 21.39
N ALA A 34 -0.52 -15.85 20.66
CA ALA A 34 0.90 -16.12 20.82
C ALA A 34 1.64 -15.62 19.60
N GLU A 35 2.72 -14.90 19.85
CA GLU A 35 3.48 -14.30 18.77
C GLU A 35 4.95 -14.69 18.88
N THR A 36 5.58 -14.78 17.74
CA THR A 36 6.99 -15.17 17.64
C THR A 36 7.95 -14.20 18.31
N TRP A 37 7.60 -12.91 18.37
CA TRP A 37 8.57 -11.84 18.60
C TRP A 37 8.84 -11.75 20.09
N GLY A 38 9.95 -11.10 20.43
CA GLY A 38 10.24 -10.74 21.80
C GLY A 38 9.21 -9.74 22.26
N PRO A 39 9.17 -9.47 23.57
CA PRO A 39 8.19 -8.50 24.06
C PRO A 39 8.55 -7.08 23.60
N ASN A 40 7.54 -6.24 23.50
CA ASN A 40 7.72 -4.84 23.16
C ASN A 40 8.53 -4.67 21.86
N PHE A 41 8.28 -5.55 20.91
CA PHE A 41 9.01 -5.52 19.66
C PHE A 41 8.33 -4.54 18.73
N PRO A 42 9.05 -3.50 18.33
CA PRO A 42 8.35 -2.51 17.49
C PRO A 42 7.93 -3.05 16.12
N ILE A 43 6.89 -2.43 15.61
CA ILE A 43 6.29 -2.66 14.28
C ILE A 43 5.56 -4.01 14.27
N PHE A 44 6.32 -5.11 14.35
CA PHE A 44 5.74 -6.45 14.32
C PHE A 44 4.83 -6.63 15.53
N GLY A 45 5.33 -6.26 16.69
CA GLY A 45 4.56 -6.38 17.94
C GLY A 45 3.46 -5.34 17.97
N ASP A 46 3.69 -4.21 17.29
CA ASP A 46 2.65 -3.19 17.19
C ASP A 46 1.44 -3.71 16.39
N ALA A 47 1.71 -4.50 15.36
CA ALA A 47 0.63 -5.02 14.54
C ALA A 47 -0.31 -5.90 15.38
N SER A 48 0.25 -6.81 16.20
CA SER A 48 -0.60 -7.69 17.03
C SER A 48 -1.32 -6.86 18.10
N LYS A 49 -0.60 -5.95 18.73
CA LYS A 49 -1.19 -5.02 19.70
C LYS A 49 -2.33 -4.15 19.12
N ASN A 50 -2.09 -3.53 17.97
CA ASN A 50 -3.09 -2.69 17.31
C ASN A 50 -4.36 -3.46 16.97
N ALA A 52 -5.42 -6.23 18.48
CA ALA A 52 -6.15 -6.55 19.73
C ALA A 52 -6.88 -5.34 20.32
N LYS A 53 -6.29 -4.16 20.26
CA LYS A 53 -6.93 -2.95 20.77
C LYS A 53 -8.20 -2.55 19.95
N VAL A 55 -10.09 -4.68 18.25
CA VAL A 55 -11.12 -5.67 18.52
C VAL A 55 -11.84 -5.32 19.83
N LYS A 56 -11.07 -5.01 20.87
CA LYS A 56 -11.67 -4.66 22.16
C LYS A 56 -12.55 -3.43 22.02
N GLU A 57 -12.02 -2.42 21.33
CA GLU A 57 -12.69 -1.13 21.26
C GLU A 57 -13.92 -1.24 20.39
N SER A 59 -15.64 -3.86 19.85
CA SER A 59 -16.56 -4.87 20.39
C SER A 59 -17.05 -4.49 21.78
N ASP A 60 -16.70 -3.26 22.20
CA ASP A 60 -17.04 -2.74 23.53
C ASP A 60 -16.64 -3.71 24.63
N GLY A 61 -15.57 -4.44 24.39
CA GLY A 61 -15.08 -5.38 25.37
C GLY A 61 -15.63 -6.81 25.30
N ARG A 62 -16.53 -7.09 24.37
CA ARG A 62 -17.07 -8.45 24.22
C ARG A 62 -15.99 -9.47 23.88
N LEU A 63 -15.11 -9.09 22.95
CA LEU A 63 -13.93 -9.88 22.62
C LEU A 63 -12.67 -9.11 22.94
N THR A 64 -11.81 -9.70 23.77
CA THR A 64 -10.52 -9.08 24.08
C THR A 64 -9.47 -10.16 23.94
N ILE A 65 -8.27 -9.75 23.57
CA ILE A 65 -7.20 -10.65 23.16
C ILE A 65 -5.95 -10.25 23.91
N ARG A 66 -5.48 -11.12 24.80
CA ARG A 66 -4.21 -10.91 25.49
C ARG A 66 -3.07 -11.60 24.75
N ILE A 67 -1.98 -10.86 24.59
CA ILE A 67 -0.84 -11.31 23.79
C ILE A 67 0.33 -11.82 24.62
N ASP A 68 0.82 -13.00 24.28
CA ASP A 68 2.02 -13.55 24.88
C ASP A 68 3.11 -13.55 23.83
N SER A 69 4.20 -12.87 24.14
CA SER A 69 5.36 -12.85 23.28
C SER A 69 6.27 -14.01 23.64
N ALA A 70 7.42 -14.10 22.99
CA ALA A 70 8.30 -15.26 23.18
C ALA A 70 8.86 -15.36 24.61
N ASN A 71 9.01 -14.23 25.29
CA ASN A 71 9.52 -14.24 26.67
C ASN A 71 8.57 -14.99 27.60
N LYS A 72 7.31 -15.07 27.18
CA LYS A 72 6.25 -15.66 27.99
C LYS A 72 6.03 -17.14 27.67
N HIS A 73 5.71 -17.47 26.42
CA HIS A 73 5.42 -18.86 26.07
C HIS A 73 6.68 -19.66 25.71
N LYS A 74 7.79 -18.95 25.53
CA LYS A 74 9.11 -19.57 25.28
C LYS A 74 9.19 -20.52 24.08
N SER A 75 8.40 -20.27 23.05
CA SER A 75 8.41 -21.10 21.87
C SER A 75 8.10 -20.25 20.64
N ALA A 76 9.05 -19.37 20.30
CA ALA A 76 8.90 -18.41 19.20
C ALA A 76 8.45 -19.08 17.91
N LEU A 77 8.96 -20.28 17.66
CA LEU A 77 8.61 -21.03 16.44
C LEU A 77 7.61 -22.16 16.71
N GLY A 78 6.94 -22.10 17.86
CA GLY A 78 5.88 -23.06 18.15
C GLY A 78 4.47 -22.54 17.90
N ILE A 79 4.36 -21.37 17.26
CA ILE A 79 3.07 -20.70 17.14
C ILE A 79 2.07 -21.52 16.33
N PHE A 80 2.53 -22.13 15.24
CA PHE A 80 1.69 -22.98 14.41
C PHE A 80 1.00 -24.05 15.26
N ASP A 81 1.78 -24.70 16.11
CA ASP A 81 1.28 -25.82 16.90
C ASP A 81 0.33 -25.29 17.97
N PHE A 82 0.66 -24.14 18.55
CA PHE A 82 -0.20 -23.50 19.56
C PHE A 82 -1.60 -23.24 19.05
N VAL A 83 -1.72 -22.86 17.78
CA VAL A 83 -3.00 -22.46 17.22
C VAL A 83 -3.73 -23.68 16.65
N LYS A 84 -2.95 -24.64 16.15
CA LYS A 84 -3.56 -25.85 15.61
C LYS A 84 -4.31 -26.58 16.70
N SER A 85 -3.71 -26.60 17.88
CA SER A 85 -4.24 -27.41 18.98
C SER A 85 -5.36 -26.69 19.69
N GLY A 86 -5.36 -25.36 19.59
CA GLY A 86 -6.36 -24.53 20.23
C GLY A 86 -5.86 -23.96 21.54
N GLN A 87 -4.65 -24.36 21.94
CA GLN A 87 -4.06 -23.86 23.18
C GLN A 87 -4.00 -22.33 23.21
N TYR A 88 -3.77 -21.73 22.04
CA TYR A 88 -4.00 -20.29 21.82
C TYR A 88 -5.02 -20.17 20.70
N GLN A 89 -5.93 -19.22 20.81
CA GLN A 89 -6.91 -19.05 19.77
C GLN A 89 -6.22 -18.51 18.53
N GLY A 91 -2.40 -16.60 16.66
CA GLY A 91 -0.97 -16.38 16.62
C GLY A 91 -0.66 -15.24 15.66
N HIS A 92 0.51 -14.62 15.87
CA HIS A 92 1.08 -13.70 14.91
C HIS A 92 2.49 -14.21 14.63
N SER A 93 2.82 -14.42 13.37
CA SER A 93 4.08 -15.04 13.03
C SER A 93 4.27 -14.86 11.52
N ALA A 94 4.86 -15.82 10.84
CA ALA A 94 5.00 -15.74 9.40
C ALA A 94 4.85 -17.11 8.82
N SER A 95 4.08 -17.18 7.75
CA SER A 95 3.70 -18.44 7.15
C SER A 95 4.94 -19.25 6.79
N TYR A 96 5.98 -18.60 6.26
CA TYR A 96 7.08 -19.38 5.70
C TYR A 96 7.97 -20.01 6.79
N TYR A 97 7.67 -19.76 8.06
CA TYR A 97 8.34 -20.47 9.15
C TYR A 97 7.88 -21.95 9.21
N TRP A 98 6.76 -22.28 8.59
CA TRP A 98 6.15 -23.62 8.79
C TRP A 98 6.45 -24.58 7.63
N LYS A 99 7.53 -24.32 6.90
CA LYS A 99 7.91 -25.12 5.74
C LYS A 99 8.04 -26.59 6.10
N GLY A 100 8.46 -26.90 7.33
CA GLY A 100 8.46 -28.29 7.79
C GLY A 100 7.10 -28.95 7.85
N LYS A 101 6.09 -28.25 8.38
CA LYS A 101 4.73 -28.75 8.41
C LYS A 101 4.21 -28.98 7.02
N ASP A 102 4.46 -28.02 6.15
CA ASP A 102 3.88 -28.00 4.82
C ASP A 102 4.69 -27.01 3.99
N PHE A 103 5.39 -27.51 2.97
CA PHE A 103 6.26 -26.64 2.18
C PHE A 103 5.47 -25.52 1.50
N ASN A 104 4.18 -25.74 1.23
CA ASN A 104 3.40 -24.71 0.57
C ASN A 104 3.19 -23.44 1.42
N THR A 105 3.43 -23.53 2.74
CA THR A 105 3.31 -22.35 3.59
C THR A 105 4.33 -21.26 3.20
N PHE A 107 4.96 -19.85 0.40
CA PHE A 107 4.66 -18.94 -0.69
C PHE A 107 3.62 -17.89 -0.37
N PHE A 108 3.07 -17.94 0.85
CA PHE A 108 2.09 -16.94 1.28
C PHE A 108 2.72 -15.85 2.17
N THR A 109 4.05 -15.80 2.19
CA THR A 109 4.76 -14.77 2.94
C THR A 109 5.39 -13.84 1.91
N THR A 110 6.27 -14.40 1.09
CA THR A 110 6.94 -13.69 0.00
C THR A 110 7.77 -14.74 -0.74
N VAL A 111 8.25 -14.41 -1.94
CA VAL A 111 9.19 -15.30 -2.64
C VAL A 111 10.31 -14.47 -3.30
N PRO A 112 11.49 -15.08 -3.48
CA PRO A 112 12.57 -14.32 -4.12
C PRO A 112 12.14 -13.81 -5.48
N PHE A 113 12.49 -12.56 -5.79
CA PHE A 113 12.20 -11.98 -7.08
C PHE A 113 10.70 -11.87 -7.30
N GLY A 114 9.94 -11.93 -6.21
CA GLY A 114 8.48 -11.89 -6.32
C GLY A 114 7.89 -10.49 -6.30
N THR A 116 5.98 -6.90 -5.06
CA THR A 116 6.00 -5.85 -4.07
C THR A 116 4.74 -5.91 -3.24
N ALA A 117 4.71 -5.17 -2.13
CA ALA A 117 3.57 -5.25 -1.22
C ALA A 117 2.23 -4.80 -1.90
N PRO A 118 2.21 -3.65 -2.59
CA PRO A 118 0.98 -3.26 -3.30
C PRO A 118 0.47 -4.31 -4.28
N GLU A 119 1.40 -4.96 -4.98
CA GLU A 119 1.08 -6.02 -5.93
C GLU A 119 0.54 -7.22 -5.18
N GLN A 120 1.20 -7.56 -4.09
CA GLN A 120 0.86 -8.75 -3.33
C GLN A 120 -0.45 -8.62 -2.55
N TYR A 121 -0.73 -7.43 -2.05
CA TYR A 121 -2.05 -7.18 -1.44
C TYR A 121 -3.18 -7.30 -2.48
N ALA A 122 -2.93 -6.82 -3.69
CA ALA A 122 -3.87 -7.04 -4.80
C ALA A 122 -4.08 -8.52 -5.08
N TRP A 123 -2.98 -9.28 -5.17
CA TRP A 123 -3.09 -10.71 -5.30
C TRP A 123 -3.90 -11.37 -4.20
N PHE A 124 -3.60 -11.04 -2.95
CA PHE A 124 -4.26 -11.67 -1.81
C PHE A 124 -5.76 -11.40 -1.94
N TYR A 125 -6.13 -10.14 -2.04
CA TYR A 125 -7.56 -9.82 -1.86
C TYR A 125 -8.40 -9.74 -3.13
N TYR A 126 -7.77 -9.68 -4.28
CA TYR A 126 -8.47 -9.50 -5.56
C TYR A 126 -7.96 -10.47 -6.64
N GLY A 127 -6.81 -11.11 -6.43
CA GLY A 127 -6.23 -12.01 -7.43
C GLY A 127 -6.21 -13.50 -7.07
N GLY A 128 -6.87 -13.86 -5.98
CA GLY A 128 -7.03 -15.25 -5.62
C GLY A 128 -6.12 -15.79 -4.52
N GLY A 129 -5.24 -14.97 -3.95
CA GLY A 129 -4.32 -15.43 -2.92
C GLY A 129 -4.94 -15.92 -1.62
N GLU A 131 -7.78 -17.25 -1.18
CA GLU A 131 -8.44 -18.53 -1.44
C GLU A 131 -7.41 -19.63 -1.49
N LEU A 132 -6.28 -19.35 -2.10
CA LEU A 132 -5.20 -20.34 -2.18
C LEU A 132 -4.60 -20.63 -0.82
N LYS A 134 -6.09 -20.41 2.15
CA LYS A 134 -7.10 -21.24 2.82
C LYS A 134 -7.04 -22.70 2.38
N GLU A 135 -6.86 -22.90 1.09
CA GLU A 135 -6.66 -24.25 0.52
C GLU A 135 -5.54 -25.02 1.21
N THR A 136 -4.51 -24.30 1.66
CA THR A 136 -3.41 -24.93 2.38
C THR A 136 -3.71 -25.11 3.84
N TYR A 137 -4.21 -24.05 4.45
CA TYR A 137 -4.36 -24.00 5.89
C TYR A 137 -5.65 -24.72 6.41
N ASP A 138 -6.68 -24.88 5.57
CA ASP A 138 -7.89 -25.57 6.04
C ASP A 138 -7.66 -26.99 6.57
N GLN A 139 -6.74 -27.72 5.94
CA GLN A 139 -6.46 -29.09 6.37
C GLN A 139 -5.80 -29.17 7.75
N TYR A 140 -5.49 -28.02 8.37
CA TYR A 140 -4.91 -28.01 9.72
C TYR A 140 -5.86 -27.40 10.73
N GLY A 141 -7.04 -27.01 10.27
CA GLY A 141 -7.97 -26.31 11.14
C GLY A 141 -7.45 -24.97 11.59
N ILE A 142 -6.74 -24.28 10.69
CA ILE A 142 -6.20 -22.94 10.96
C ILE A 142 -6.71 -22.02 9.87
N LEU A 143 -7.12 -20.81 10.26
CA LEU A 143 -7.44 -19.79 9.27
C LEU A 143 -6.24 -18.84 9.25
N SER A 144 -5.71 -18.58 8.09
CA SER A 144 -4.55 -17.68 7.98
C SER A 144 -4.96 -16.40 7.29
N PHE A 145 -4.44 -15.27 7.79
CA PHE A 145 -4.75 -13.95 7.27
C PHE A 145 -3.47 -13.15 7.14
N PRO A 146 -3.38 -12.27 6.14
CA PRO A 146 -2.23 -11.35 6.13
C PRO A 146 -2.08 -10.61 7.46
N GLY A 147 -0.84 -10.53 7.94
CA GLY A 147 -0.56 -10.04 9.27
C GLY A 147 0.32 -8.82 9.31
N GLY A 148 0.64 -8.26 8.14
CA GLY A 148 1.44 -7.04 8.05
C GLY A 148 2.65 -7.14 7.13
N ASN A 149 2.81 -6.18 6.23
CA ASN A 149 3.92 -6.24 5.29
C ASN A 149 5.08 -5.37 5.66
N THR A 150 6.29 -5.89 5.55
CA THR A 150 7.48 -5.05 5.78
C THR A 150 7.83 -4.12 4.62
N GLY A 151 7.29 -4.40 3.43
CA GLY A 151 7.83 -3.82 2.23
C GLY A 151 9.18 -4.45 1.88
N VAL A 152 9.89 -3.85 0.93
CA VAL A 152 11.14 -4.43 0.43
C VAL A 152 12.19 -4.61 1.51
N GLN A 153 12.75 -5.81 1.60
CA GLN A 153 13.77 -6.08 2.61
C GLN A 153 15.19 -5.99 2.05
N GLY A 155 19.26 -7.41 1.90
CA GLY A 155 19.88 -8.69 1.72
C GLY A 155 20.51 -9.32 2.96
N GLY A 156 20.73 -8.50 3.99
CA GLY A 156 21.29 -8.97 5.24
C GLY A 156 22.65 -8.39 5.64
N TRP A 157 23.13 -8.90 6.77
CA TRP A 157 24.35 -8.44 7.43
C TRP A 157 25.40 -9.56 7.32
N PHE A 158 26.58 -9.20 6.82
CA PHE A 158 27.67 -10.15 6.61
C PHE A 158 28.98 -9.75 7.29
N ARG A 159 29.71 -10.76 7.76
CA ARG A 159 31.03 -10.54 8.29
C ARG A 159 32.00 -10.24 7.17
N LYS A 160 31.85 -11.00 6.08
CA LYS A 160 32.77 -10.95 4.95
C LYS A 160 31.98 -10.70 3.68
N GLU A 161 32.56 -9.97 2.73
CA GLU A 161 31.86 -9.70 1.48
C GLU A 161 31.66 -10.98 0.67
N ILE A 162 30.59 -10.99 -0.13
CA ILE A 162 30.33 -12.03 -1.10
C ILE A 162 30.76 -11.50 -2.45
N ASN A 163 31.85 -12.06 -2.99
CA ASN A 163 32.37 -11.62 -4.29
C ASN A 163 32.13 -12.64 -5.42
N THR A 164 32.03 -13.90 -5.05
CA THR A 164 31.77 -14.95 -6.01
C THR A 164 30.79 -16.00 -5.44
N VAL A 165 30.18 -16.81 -6.30
CA VAL A 165 29.31 -17.87 -5.85
C VAL A 165 30.00 -18.80 -4.83
N GLU A 166 31.30 -19.00 -4.99
CA GLU A 166 32.06 -19.87 -4.11
C GLU A 166 32.00 -19.37 -2.65
N ASP A 167 31.86 -18.05 -2.47
CA ASP A 167 31.78 -17.49 -1.12
C ASP A 167 30.48 -17.89 -0.39
N LEU A 168 29.49 -18.39 -1.12
CA LEU A 168 28.26 -18.89 -0.47
C LEU A 168 28.38 -20.31 0.03
N LYS A 169 29.39 -21.03 -0.45
CA LYS A 169 29.58 -22.42 -0.05
C LYS A 169 29.89 -22.52 1.42
N GLY A 170 29.07 -23.29 2.13
CA GLY A 170 29.24 -23.47 3.56
C GLY A 170 28.94 -22.23 4.37
N LEU A 171 28.43 -21.17 3.76
CA LEU A 171 28.05 -19.99 4.53
C LEU A 171 26.90 -20.29 5.51
N LYS A 172 27.17 -20.09 6.80
CA LYS A 172 26.18 -20.23 7.87
C LYS A 172 25.36 -18.97 7.95
N ARG A 174 21.57 -17.12 8.65
CA ARG A 174 20.16 -17.15 9.05
C ARG A 174 19.32 -16.50 7.92
N ILE A 175 18.45 -17.30 7.28
CA ILE A 175 17.65 -16.87 6.15
C ILE A 175 16.44 -17.83 6.00
N PRO A 176 15.23 -17.31 6.15
CA PRO A 176 14.06 -18.21 6.17
C PRO A 176 13.47 -18.50 4.80
N GLY A 177 12.45 -19.36 4.78
CA GLY A 177 11.58 -19.42 3.61
C GLY A 177 12.25 -19.98 2.38
N PHE A 178 11.70 -19.67 1.22
CA PHE A 178 12.16 -20.26 0.00
C PHE A 178 13.60 -19.77 -0.32
N ALA A 179 13.94 -18.55 0.09
CA ALA A 179 15.29 -18.02 -0.16
C ALA A 179 16.30 -18.90 0.52
N GLY A 180 15.94 -19.37 1.70
CA GLY A 180 16.78 -20.31 2.43
C GLY A 180 17.01 -21.55 1.61
N GLU A 181 15.94 -22.05 1.00
CA GLU A 181 16.03 -23.25 0.15
C GLU A 181 16.99 -23.02 -1.01
N VAL A 182 16.87 -21.85 -1.63
CA VAL A 182 17.69 -21.48 -2.76
C VAL A 182 19.19 -21.39 -2.41
N LEU A 183 19.53 -20.76 -1.29
CA LEU A 183 20.92 -20.70 -0.85
C LEU A 183 21.45 -22.07 -0.47
N ALA A 184 20.61 -22.93 0.11
CA ALA A 184 21.02 -24.33 0.35
C ALA A 184 21.40 -25.01 -0.95
N LYS A 185 20.62 -24.77 -2.00
CA LYS A 185 20.91 -25.35 -3.29
C LYS A 185 22.27 -24.93 -3.83
N LEU A 186 22.68 -23.69 -3.51
CA LEU A 186 24.00 -23.19 -3.89
C LEU A 186 25.11 -23.49 -2.88
N GLY A 187 24.84 -24.37 -1.92
CA GLY A 187 25.86 -24.89 -1.06
C GLY A 187 26.00 -24.18 0.24
N ALA A 188 25.08 -23.25 0.52
CA ALA A 188 25.10 -22.56 1.79
C ALA A 188 24.45 -23.42 2.87
N SER A 189 24.56 -22.99 4.11
CA SER A 189 24.05 -23.71 5.26
C SER A 189 23.06 -22.87 6.04
N PRO A 190 21.83 -22.71 5.50
CA PRO A 190 20.88 -21.77 6.09
C PRO A 190 20.23 -22.24 7.38
N THR A 191 19.79 -21.30 8.19
CA THR A 191 19.08 -21.65 9.41
C THR A 191 17.95 -20.65 9.64
N ASN A 192 16.98 -20.98 10.50
CA ASN A 192 15.92 -20.04 10.85
C ASN A 192 15.91 -19.78 12.34
N ILE A 193 16.75 -18.84 12.75
CA ILE A 193 16.85 -18.46 14.13
C ILE A 193 15.84 -17.34 14.31
N PRO A 194 15.05 -17.40 15.38
CA PRO A 194 13.96 -16.43 15.45
C PRO A 194 14.44 -15.08 15.92
N SER A 195 13.61 -14.08 15.66
CA SER A 195 13.97 -12.68 15.83
C SER A 195 14.78 -12.39 17.10
N ALA A 196 14.28 -12.80 18.26
CA ALA A 196 14.90 -12.39 19.53
C ALA A 196 16.29 -12.97 19.79
N GLU A 197 16.65 -14.05 19.11
CA GLU A 197 17.94 -14.71 19.34
C GLU A 197 19.00 -14.39 18.29
N LEU A 198 18.65 -13.54 17.33
CA LEU A 198 19.52 -13.32 16.16
C LEU A 198 20.85 -12.66 16.46
N TYR A 199 20.82 -11.56 17.22
CA TYR A 199 22.05 -10.86 17.51
C TYR A 199 23.03 -11.78 18.24
N THR A 200 22.51 -12.50 19.24
CA THR A 200 23.33 -13.45 20.00
C THR A 200 23.93 -14.54 19.08
N ALA A 201 23.14 -15.13 18.19
CA ALA A 201 23.66 -16.17 17.30
C ALA A 201 24.85 -15.64 16.46
N LEU A 202 24.76 -14.39 16.02
CA LEU A 202 25.83 -13.80 15.22
C LEU A 202 27.06 -13.52 16.09
N GLU A 203 26.83 -12.98 17.29
CA GLU A 203 27.91 -12.69 18.23
C GLU A 203 28.77 -13.91 18.55
N ARG A 204 28.12 -15.05 18.80
CA ARG A 204 28.81 -16.31 19.12
C ARG A 204 29.35 -17.07 17.92
N ASN A 205 29.18 -16.55 16.70
CA ASN A 205 29.63 -17.26 15.49
C ASN A 205 28.87 -18.56 15.20
N THR A 206 27.69 -18.68 15.77
CA THR A 206 26.75 -19.73 15.40
C THR A 206 26.38 -19.54 13.96
N ILE A 207 26.20 -18.28 13.56
CA ILE A 207 26.03 -17.91 12.18
C ILE A 207 27.05 -16.81 11.82
N ASP A 208 27.35 -16.71 10.54
CA ASP A 208 28.29 -15.69 10.03
C ASP A 208 27.64 -14.62 9.18
N ALA A 209 26.36 -14.81 8.91
CA ALA A 209 25.57 -13.81 8.20
C ALA A 209 24.12 -13.99 8.56
N LEU A 210 23.32 -12.96 8.34
CA LEU A 210 21.91 -13.07 8.61
C LEU A 210 21.16 -12.02 7.81
N GLU A 211 19.91 -12.30 7.48
CA GLU A 211 19.02 -11.24 7.04
C GLU A 211 17.88 -11.20 8.04
N TRP A 212 17.44 -10.00 8.35
CA TRP A 212 16.25 -9.83 9.18
C TRP A 212 15.23 -9.03 8.36
N VAL A 213 15.24 -7.70 8.40
CA VAL A 213 14.23 -6.96 7.63
C VAL A 213 14.83 -5.82 6.80
N GLY A 214 15.36 -4.80 7.44
CA GLY A 214 15.74 -3.55 6.78
C GLY A 214 15.93 -2.52 7.86
N PRO A 215 16.20 -1.28 7.46
CA PRO A 215 16.54 -0.19 8.40
C PRO A 215 15.51 -0.02 9.52
N SER A 216 14.24 -0.26 9.17
CA SER A 216 13.14 -0.11 10.10
C SER A 216 13.38 -0.90 11.39
N LEU A 217 13.97 -2.10 11.31
CA LEU A 217 14.25 -2.85 12.55
C LEU A 217 15.73 -3.24 12.76
N ASP A 218 16.52 -3.27 11.69
CA ASP A 218 17.86 -3.91 11.80
C ASP A 218 18.81 -3.09 12.69
N LEU A 219 18.67 -1.77 12.66
CA LEU A 219 19.63 -0.92 13.35
C LEU A 219 19.45 -0.98 14.85
N ARG A 220 18.22 -0.97 15.34
CA ARG A 220 18.04 -1.00 16.77
C ARG A 220 18.43 -2.38 17.29
N GLY A 222 21.12 -4.07 16.36
CA GLY A 222 22.55 -4.05 16.66
C GLY A 222 23.53 -4.81 15.79
N PHE A 223 23.03 -5.46 14.73
CA PHE A 223 23.87 -6.27 13.82
C PHE A 223 25.12 -5.57 13.30
N HIS A 224 24.99 -4.27 12.99
CA HIS A 224 26.09 -3.50 12.44
C HIS A 224 27.34 -3.52 13.34
N LYS A 225 27.15 -3.73 14.63
CA LYS A 225 28.27 -3.80 15.57
C LYS A 225 29.24 -4.93 15.21
N ILE A 226 28.70 -6.04 14.75
CA ILE A 226 29.49 -7.23 14.43
C ILE A 226 29.72 -7.44 12.94
N ALA A 227 28.77 -7.01 12.13
CA ALA A 227 28.78 -7.33 10.71
C ALA A 227 28.81 -6.02 9.92
N PRO A 228 29.94 -5.70 9.30
CA PRO A 228 30.01 -4.37 8.70
C PRO A 228 29.28 -4.25 7.38
N TYR A 229 28.99 -5.36 6.71
CA TYR A 229 28.52 -5.31 5.35
C TYR A 229 27.03 -5.52 5.31
N TYR A 230 26.33 -4.56 4.71
CA TYR A 230 24.86 -4.51 4.64
C TYR A 230 24.47 -4.59 3.20
N TYR A 231 23.91 -5.72 2.79
CA TYR A 231 23.65 -5.98 1.37
C TYR A 231 22.25 -5.61 1.00
N THR A 232 22.07 -5.16 -0.24
CA THR A 232 20.75 -4.81 -0.75
C THR A 232 20.06 -6.14 -1.05
N GLY A 233 18.74 -6.11 -1.21
CA GLY A 233 17.97 -7.35 -1.23
C GLY A 233 17.66 -7.93 -2.59
N TRP A 234 16.74 -8.88 -2.56
CA TRP A 234 16.29 -9.69 -3.68
C TRP A 234 15.37 -10.78 -3.08
N GLN A 235 15.63 -11.21 -1.87
CA GLN A 235 15.02 -12.47 -1.42
C GLN A 235 13.66 -12.28 -0.78
N GLU A 236 13.34 -11.05 -0.34
CA GLU A 236 12.06 -10.77 0.35
C GLU A 236 11.54 -9.40 -0.06
N PRO A 237 10.95 -9.33 -1.27
CA PRO A 237 10.52 -8.03 -1.77
C PRO A 237 9.28 -7.49 -1.08
N ALA A 238 8.53 -8.35 -0.39
CA ALA A 238 7.36 -7.90 0.33
C ALA A 238 6.84 -8.96 1.31
N THR A 239 7.59 -9.11 2.40
CA THR A 239 7.31 -10.06 3.43
C THR A 239 6.02 -9.78 4.15
N GLU A 240 5.01 -10.63 3.96
CA GLU A 240 3.75 -10.50 4.69
C GLU A 240 3.78 -11.44 5.87
N LEU A 241 3.53 -10.88 7.03
CA LEU A 241 3.38 -11.64 8.24
C LEU A 241 1.99 -12.31 8.21
N GLN A 242 1.64 -13.00 9.28
CA GLN A 242 0.47 -13.84 9.32
C GLN A 242 -0.23 -13.70 10.66
N PHE A 243 -1.55 -13.45 10.65
CA PHE A 243 -2.39 -13.79 11.80
C PHE A 243 -2.93 -15.19 11.54
N VAL A 245 -5.75 -18.06 13.13
CA VAL A 245 -6.88 -18.29 14.06
C VAL A 245 -7.29 -19.75 14.07
N ASN A 246 -7.36 -20.33 15.27
CA ASN A 246 -7.92 -21.66 15.43
C ASN A 246 -9.33 -21.71 14.84
N GLN A 247 -9.59 -22.70 14.00
CA GLN A 247 -10.83 -22.78 13.28
C GLN A 247 -12.01 -22.94 14.23
N LYS A 248 -11.78 -23.57 15.37
CA LYS A 248 -12.88 -23.86 16.28
C LYS A 248 -13.19 -22.60 17.05
N ALA A 249 -12.17 -21.86 17.48
CA ALA A 249 -12.40 -20.60 18.18
C ALA A 249 -13.15 -19.63 17.28
N TYR A 250 -12.71 -19.49 16.03
CA TYR A 250 -13.39 -18.62 15.09
C TYR A 250 -14.88 -19.01 15.00
N ASP A 251 -15.14 -20.29 14.90
CA ASP A 251 -16.51 -20.77 14.73
C ASP A 251 -17.36 -20.55 15.99
N SER A 252 -16.69 -20.44 17.14
CA SER A 252 -17.32 -20.21 18.43
C SER A 252 -17.85 -18.79 18.59
N LEU A 253 -17.51 -17.93 17.63
CA LEU A 253 -17.86 -16.54 17.70
C LEU A 253 -19.17 -16.25 16.97
N PRO A 254 -19.94 -15.24 17.43
CA PRO A 254 -21.06 -14.73 16.63
C PRO A 254 -20.58 -13.94 15.42
N ALA A 255 -21.44 -13.80 14.41
CA ALA A 255 -21.08 -13.20 13.13
C ALA A 255 -20.56 -11.76 13.22
N ASP A 256 -21.11 -10.95 14.13
CA ASP A 256 -20.65 -9.57 14.20
C ASP A 256 -19.22 -9.47 14.76
N LEU A 257 -18.89 -10.32 15.73
CA LEU A 257 -17.54 -10.33 16.30
C LEU A 257 -16.56 -10.97 15.31
N GLN A 258 -17.01 -12.00 14.61
CA GLN A 258 -16.19 -12.60 13.56
C GLN A 258 -15.72 -11.53 12.59
N LYS A 259 -16.61 -10.60 12.26
CA LYS A 259 -16.26 -9.60 11.27
C LYS A 259 -15.31 -8.59 11.85
N ILE A 260 -15.57 -8.21 13.09
CA ILE A 260 -14.71 -7.29 13.80
C ILE A 260 -13.29 -7.86 13.80
N LEU A 261 -13.21 -9.17 14.04
CA LEU A 261 -11.91 -9.85 14.13
C LEU A 261 -11.21 -9.76 12.76
N THR A 262 -11.90 -10.19 11.71
CA THR A 262 -11.25 -10.27 10.38
C THR A 262 -10.91 -8.88 9.89
N VAL A 263 -11.78 -7.91 10.13
CA VAL A 263 -11.49 -6.57 9.69
C VAL A 263 -10.28 -6.00 10.48
N ALA A 264 -10.23 -6.27 11.78
CA ALA A 264 -9.14 -5.71 12.60
C ALA A 264 -7.79 -6.28 12.16
N LYS A 266 -7.09 -7.28 9.05
CA LYS A 266 -6.75 -6.73 7.75
C LYS A 266 -6.20 -5.31 7.92
N THR A 267 -6.81 -4.55 8.84
CA THR A 267 -6.48 -3.15 9.10
C THR A 267 -5.11 -3.06 9.75
N ALA A 268 -4.89 -3.91 10.73
CA ALA A 268 -3.60 -3.95 11.39
C ALA A 268 -2.48 -4.29 10.39
N ALA A 269 -2.76 -5.25 9.51
CA ALA A 269 -1.78 -5.66 8.49
C ALA A 269 -1.44 -4.48 7.57
N TYR A 270 -2.44 -3.82 7.00
CA TYR A 270 -2.19 -2.68 6.15
C TYR A 270 -1.43 -1.55 6.90
N ASP A 271 -1.81 -1.26 8.14
CA ASP A 271 -1.14 -0.19 8.90
C ASP A 271 0.31 -0.55 9.16
N TYR A 273 2.33 -2.02 7.10
CA TYR A 273 3.10 -1.66 5.91
C TYR A 273 3.31 -0.15 5.92
N SER A 274 2.29 0.59 6.35
CA SER A 274 2.44 2.02 6.51
C SER A 274 3.51 2.35 7.53
N GLN A 275 3.46 1.68 8.66
CA GLN A 275 4.48 1.90 9.69
C GLN A 275 5.88 1.51 9.24
N SER A 276 6.00 0.36 8.59
CA SER A 276 7.28 -0.05 8.07
C SER A 276 7.86 0.98 7.10
N THR A 277 7.02 1.50 6.22
CA THR A 277 7.46 2.50 5.26
C THR A 277 7.94 3.75 6.00
N HIS A 278 7.14 4.19 6.96
CA HIS A 278 7.50 5.31 7.81
C HIS A 278 8.87 5.09 8.48
N GLU A 279 9.00 3.96 9.16
CA GLU A 279 10.23 3.68 9.92
C GLU A 279 11.43 3.44 9.03
N ASN A 280 11.21 2.89 7.83
CA ASN A 280 12.31 2.80 6.89
C ASN A 280 12.82 4.16 6.42
N GLY A 281 11.91 5.10 6.21
CA GLY A 281 12.31 6.45 5.92
C GLY A 281 13.13 7.02 7.08
N VAL A 282 12.60 6.94 8.29
CA VAL A 282 13.32 7.47 9.44
C VAL A 282 14.69 6.85 9.51
N ASN A 283 14.78 5.53 9.40
CA ASN A 283 16.04 4.86 9.69
C ASN A 283 17.04 4.76 8.55
N LEU A 284 16.61 4.78 7.28
CA LEU A 284 17.58 5.00 6.19
C LEU A 284 18.30 6.34 6.38
N LYS A 285 17.57 7.35 6.81
CA LYS A 285 18.16 8.67 7.04
C LYS A 285 19.24 8.59 8.13
N ALA A 286 18.90 7.99 9.27
CA ALA A 286 19.88 7.76 10.33
C ALA A 286 21.07 6.97 9.80
N LEU A 287 20.83 5.96 8.97
CA LEU A 287 21.89 5.12 8.42
C LEU A 287 22.86 5.88 7.51
N GLN A 288 22.42 6.97 6.89
CA GLN A 288 23.26 7.65 5.91
C GLN A 288 24.03 8.78 6.62
N SER A 289 23.96 8.80 7.95
CA SER A 289 24.61 9.88 8.68
C SER A 289 25.17 9.48 10.06
N GLU A 290 24.59 8.49 10.72
CA GLU A 290 24.99 8.12 12.07
C GLU A 290 25.73 6.76 12.14
N TYR A 291 26.01 6.18 10.98
CA TYR A 291 26.60 4.83 10.91
C TYR A 291 27.67 4.80 9.84
N PRO A 292 28.79 5.49 10.12
CA PRO A 292 29.90 5.59 9.17
C PRO A 292 30.61 4.27 8.91
N ASN A 293 30.42 3.29 9.79
CA ASN A 293 31.11 2.02 9.61
C ASN A 293 30.26 0.98 8.84
N VAL A 294 29.02 1.33 8.53
CA VAL A 294 28.20 0.43 7.71
C VAL A 294 28.59 0.59 6.24
N LYS A 295 28.85 -0.54 5.61
CA LYS A 295 29.32 -0.62 4.23
C LYS A 295 28.22 -1.28 3.43
N ILE A 296 27.44 -0.46 2.73
CA ILE A 296 26.36 -0.94 1.89
C ILE A 296 26.95 -1.53 0.60
N ARG A 297 26.49 -2.74 0.30
CA ARG A 297 27.01 -3.54 -0.78
C ARG A 297 25.88 -4.23 -1.53
N THR A 298 26.16 -4.61 -2.77
CA THR A 298 25.25 -5.40 -3.57
C THR A 298 25.98 -6.64 -4.10
N PHE A 299 25.33 -7.80 -4.16
CA PHE A 299 25.98 -8.98 -4.74
C PHE A 299 26.38 -8.70 -6.21
N PRO A 300 27.57 -9.14 -6.64
CA PRO A 300 27.97 -8.98 -8.05
C PRO A 300 27.01 -9.70 -8.98
N GLN A 301 26.88 -9.21 -10.21
CA GLN A 301 25.87 -9.75 -11.15
C GLN A 301 26.03 -11.25 -11.37
N PRO A 302 27.28 -11.74 -11.43
CA PRO A 302 27.42 -13.18 -11.63
C PRO A 302 26.80 -13.99 -10.49
N VAL A 303 26.84 -13.42 -9.29
CA VAL A 303 26.26 -14.05 -8.13
C VAL A 303 24.73 -13.92 -8.26
N ASN A 305 23.03 -13.75 -11.00
CA ASN A 305 22.52 -14.60 -12.07
C ASN A 305 22.42 -16.01 -11.55
N ALA A 306 23.44 -16.43 -10.80
CA ALA A 306 23.46 -17.78 -10.23
C ALA A 306 22.29 -17.99 -9.26
N ILE A 307 21.94 -16.96 -8.51
CA ILE A 307 20.86 -17.07 -7.55
C ILE A 307 19.56 -17.09 -8.31
N ARG A 308 19.43 -16.23 -9.30
CA ARG A 308 18.23 -16.22 -10.12
C ARG A 308 17.98 -17.58 -10.77
N ASP A 309 19.02 -18.16 -11.38
CA ASP A 309 18.88 -19.48 -11.99
C ASP A 309 18.49 -20.54 -10.97
N ALA A 310 19.11 -20.53 -9.79
CA ALA A 310 18.82 -21.57 -8.81
C ALA A 310 17.38 -21.48 -8.29
N ASN A 311 16.90 -20.26 -8.10
CA ASN A 311 15.52 -20.01 -7.75
C ASN A 311 14.53 -20.57 -8.79
N ASP A 312 14.80 -20.26 -10.05
CA ASP A 312 13.90 -20.66 -11.15
C ASP A 312 13.91 -22.17 -11.28
N GLU A 313 15.10 -22.78 -11.26
CA GLU A 313 15.20 -24.24 -11.24
C GLU A 313 14.50 -24.86 -10.03
N LEU A 314 14.72 -24.32 -8.84
CA LEU A 314 14.09 -24.87 -7.65
C LEU A 314 12.56 -24.69 -7.68
N LEU A 315 12.07 -23.61 -8.26
CA LEU A 315 10.63 -23.43 -8.38
C LEU A 315 10.05 -24.54 -9.26
N ALA A 316 10.78 -24.87 -10.32
CA ALA A 316 10.30 -25.88 -11.26
C ALA A 316 10.23 -27.23 -10.55
N GLU A 317 11.26 -27.53 -9.75
CA GLU A 317 11.28 -28.74 -8.95
C GLU A 317 10.10 -28.82 -8.01
N PHE A 318 9.80 -27.71 -7.35
CA PHE A 318 8.74 -27.73 -6.37
C PHE A 318 7.40 -27.91 -7.08
N ALA A 319 7.26 -27.29 -8.25
CA ALA A 319 6.02 -27.39 -9.03
C ALA A 319 5.78 -28.80 -9.52
N ALA A 320 6.81 -29.38 -10.14
CA ALA A 320 6.75 -30.76 -10.66
C ALA A 320 6.40 -31.80 -9.60
N LYS A 321 6.76 -31.56 -8.34
CA LYS A 321 6.64 -32.61 -7.33
C LYS A 321 5.33 -32.60 -6.50
N ASP A 322 4.42 -31.67 -6.77
CA ASP A 322 3.16 -31.54 -6.01
C ASP A 322 2.20 -30.59 -6.74
N LYS A 323 0.98 -31.05 -6.96
CA LYS A 323 0.03 -30.36 -7.85
C LYS A 323 -0.46 -29.05 -7.22
N GLU A 324 -0.54 -29.03 -5.91
CA GLU A 324 -0.97 -27.83 -5.22
C GLU A 324 0.18 -26.81 -5.26
N THR A 325 1.43 -27.24 -5.04
CA THR A 325 2.57 -26.33 -5.16
C THR A 325 2.55 -25.73 -6.56
N ALA A 326 2.38 -26.58 -7.55
CA ALA A 326 2.32 -26.14 -8.93
C ALA A 326 1.22 -25.10 -9.15
N LYS A 327 0.10 -25.26 -8.44
CA LYS A 327 -1.04 -24.35 -8.63
C LYS A 327 -0.73 -22.97 -8.00
N ILE A 328 -0.15 -22.98 -6.81
CA ILE A 328 0.23 -21.71 -6.17
C ILE A 328 1.26 -20.96 -7.00
N LEU A 329 2.35 -21.65 -7.36
CA LEU A 329 3.44 -20.97 -8.06
C LEU A 329 2.98 -20.40 -9.41
N LYS A 330 2.08 -21.12 -10.07
CA LYS A 330 1.49 -20.64 -11.33
C LYS A 330 0.62 -19.38 -11.10
N SER A 331 -0.16 -19.36 -10.02
CA SER A 331 -0.93 -18.14 -9.69
C SER A 331 -0.02 -16.93 -9.42
N ILE A 332 0.96 -17.09 -8.52
CA ILE A 332 2.02 -16.08 -8.22
C ILE A 332 2.69 -15.54 -9.49
N LYS A 333 3.16 -16.44 -10.34
CA LYS A 333 3.92 -16.08 -11.53
C LYS A 333 3.07 -15.31 -12.52
N THR A 334 1.88 -15.83 -12.78
CA THR A 334 0.92 -15.24 -13.69
C THR A 334 0.42 -13.87 -13.22
N TYR A 335 0.03 -13.79 -11.95
CA TYR A 335 -0.43 -12.54 -11.41
C TYR A 335 0.72 -11.55 -11.43
N GLN A 336 1.93 -11.93 -10.99
CA GLN A 336 3.04 -10.98 -11.02
C GLN A 336 3.29 -10.41 -12.41
N GLU A 337 3.30 -11.28 -13.42
CA GLU A 337 3.52 -10.80 -14.77
C GLU A 337 2.49 -9.73 -15.16
N GLN A 338 1.26 -9.91 -14.77
CA GLN A 338 0.23 -8.93 -15.10
C GLN A 338 0.39 -7.62 -14.33
N VAL A 339 0.46 -7.73 -13.01
CA VAL A 339 0.48 -6.52 -12.21
C VAL A 339 1.83 -5.82 -12.30
N ARG A 340 2.93 -6.56 -12.44
CA ARG A 340 4.24 -5.88 -12.54
C ARG A 340 4.32 -4.98 -13.76
N ALA A 341 3.64 -5.37 -14.85
CA ALA A 341 3.67 -4.54 -16.07
C ALA A 341 3.07 -3.19 -15.76
N TRP A 342 2.05 -3.15 -14.90
CA TRP A 342 1.48 -1.88 -14.50
C TRP A 342 2.45 -1.11 -13.60
N THR A 343 3.00 -1.81 -12.61
CA THR A 343 4.01 -1.19 -11.75
C THR A 343 5.17 -0.58 -12.55
N LYS A 344 5.67 -1.31 -13.54
CA LYS A 344 6.73 -0.79 -14.40
C LYS A 344 6.29 0.47 -15.16
N PHE A 345 5.08 0.38 -15.70
CA PHE A 345 4.50 1.40 -16.59
C PHE A 345 4.17 2.67 -15.89
N ALA A 346 3.83 2.51 -14.61
CA ALA A 346 3.30 3.60 -13.82
C ALA A 346 4.29 4.05 -12.75
N ASP A 347 4.31 3.38 -11.59
CA ASP A 347 5.22 3.72 -10.49
C ASP A 347 6.70 3.88 -10.88
N GLN A 348 7.26 2.86 -11.50
CA GLN A 348 8.69 2.85 -11.84
C GLN A 348 9.04 4.00 -12.78
N ALA A 349 8.21 4.23 -13.80
CA ALA A 349 8.45 5.33 -14.75
C ALA A 349 8.36 6.68 -14.06
N TYR A 350 7.42 6.80 -13.13
CA TYR A 350 7.24 8.02 -12.36
C TYR A 350 8.49 8.28 -11.53
N LEU A 351 8.95 7.25 -10.85
CA LEU A 351 10.10 7.43 -9.98
C LEU A 351 11.38 7.68 -10.77
N GLU A 352 11.47 7.16 -12.00
CA GLU A 352 12.71 7.28 -12.76
C GLU A 352 12.77 8.61 -13.49
N SER A 353 11.63 9.31 -13.55
CA SER A 353 11.53 10.62 -14.19
C SER A 353 12.57 11.59 -13.64
N PHE A 354 13.20 12.38 -14.52
CA PHE A 354 14.26 13.32 -14.12
C PHE A 354 14.13 14.68 -14.84
N GLU A 355 15.15 15.53 -14.68
CA GLU A 355 15.25 16.80 -15.40
C GLU A 355 16.62 17.00 -16.08
N SER A 356 16.57 17.32 -17.36
CA SER A 356 17.75 17.75 -18.09
C SER A 356 18.01 19.23 -17.81
N ASN A 357 18.98 19.80 -18.53
CA ASN A 357 19.35 21.21 -18.34
C ASN A 357 19.79 21.54 -16.91
N LYS B 27 -31.30 1.47 20.85
CA LYS B 27 -31.09 2.60 19.95
C LYS B 27 -30.37 2.18 18.67
N LYS B 28 -30.88 2.68 17.54
CA LYS B 28 -30.38 2.35 16.21
C LYS B 28 -30.03 3.65 15.50
N TYR B 29 -28.98 3.59 14.69
CA TYR B 29 -28.56 4.77 13.95
C TYR B 29 -28.71 4.47 12.48
N ARG B 30 -29.51 5.30 11.81
CA ARG B 30 -29.76 5.13 10.40
C ARG B 30 -29.29 6.37 9.66
N TRP B 31 -28.16 6.22 9.00
CA TRP B 31 -27.48 7.34 8.37
C TRP B 31 -27.58 7.32 6.83
N ARG B 32 -27.18 8.42 6.21
CA ARG B 32 -27.03 8.48 4.76
C ARG B 32 -25.67 9.05 4.40
N LEU B 33 -25.13 8.54 3.31
CA LEU B 33 -23.89 9.03 2.75
C LEU B 33 -24.16 9.54 1.33
N ALA B 34 -23.67 10.73 0.99
CA ALA B 34 -23.74 11.23 -0.38
C ALA B 34 -22.40 11.06 -1.07
N GLU B 35 -22.41 10.46 -2.26
CA GLU B 35 -21.13 10.31 -2.95
C GLU B 35 -21.17 11.11 -4.24
N THR B 36 -20.01 11.54 -4.69
CA THR B 36 -19.86 12.24 -5.96
C THR B 36 -20.12 11.34 -7.17
N TRP B 37 -19.91 10.02 -7.03
CA TRP B 37 -19.89 9.13 -8.19
C TRP B 37 -21.30 8.74 -8.58
N GLY B 38 -21.43 8.31 -9.84
CA GLY B 38 -22.70 7.77 -10.30
C GLY B 38 -22.92 6.45 -9.59
N PRO B 39 -24.10 5.88 -9.75
CA PRO B 39 -24.45 4.61 -9.12
C PRO B 39 -23.67 3.43 -9.76
N ASN B 40 -23.43 2.38 -8.97
CA ASN B 40 -22.62 1.23 -9.38
C ASN B 40 -21.36 1.62 -10.16
N PHE B 41 -20.64 2.60 -9.61
CA PHE B 41 -19.40 3.12 -10.19
C PHE B 41 -18.26 2.25 -9.70
N PRO B 42 -17.53 1.58 -10.61
CA PRO B 42 -16.55 0.61 -10.13
C PRO B 42 -15.47 1.26 -9.27
N ILE B 43 -14.92 0.49 -8.32
CA ILE B 43 -13.81 0.89 -7.46
C ILE B 43 -14.16 2.03 -6.51
N PHE B 44 -14.44 3.23 -7.01
CA PHE B 44 -14.81 4.33 -6.12
C PHE B 44 -16.10 3.98 -5.36
N GLY B 45 -17.11 3.51 -6.10
CA GLY B 45 -18.41 3.19 -5.52
C GLY B 45 -18.32 1.92 -4.70
N ASP B 46 -17.40 1.02 -5.08
CA ASP B 46 -17.11 -0.16 -4.28
C ASP B 46 -16.54 0.23 -2.94
N ALA B 47 -15.72 1.27 -2.89
CA ALA B 47 -15.13 1.67 -1.63
C ALA B 47 -16.21 2.15 -0.65
N SER B 48 -17.11 3.03 -1.09
CA SER B 48 -18.21 3.45 -0.18
C SER B 48 -19.13 2.26 0.21
N LYS B 49 -19.50 1.41 -0.74
CA LYS B 49 -20.33 0.25 -0.38
C LYS B 49 -19.61 -0.69 0.60
N ASN B 50 -18.30 -0.90 0.41
CA ASN B 50 -17.55 -1.82 1.27
C ASN B 50 -17.55 -1.30 2.69
N ALA B 52 -19.81 0.84 4.00
CA ALA B 52 -21.15 0.76 4.61
C ALA B 52 -21.49 -0.68 5.01
N LYS B 53 -21.08 -1.64 4.19
CA LYS B 53 -21.36 -3.03 4.47
C LYS B 53 -20.60 -3.51 5.68
N VAL B 55 -19.61 -1.63 8.20
CA VAL B 55 -20.18 -1.01 9.40
C VAL B 55 -21.44 -1.76 9.82
N LYS B 56 -22.30 -2.09 8.87
CA LYS B 56 -23.51 -2.82 9.16
C LYS B 56 -23.17 -4.16 9.81
N GLU B 57 -22.24 -4.90 9.23
CA GLU B 57 -21.98 -6.26 9.71
C GLU B 57 -21.30 -6.27 11.06
N SER B 59 -21.46 -4.05 13.43
CA SER B 59 -22.28 -3.41 14.43
C SER B 59 -23.57 -4.17 14.58
N ASP B 60 -23.71 -5.27 13.84
CA ASP B 60 -24.91 -6.07 13.88
C ASP B 60 -26.16 -5.23 13.61
N GLY B 61 -26.03 -4.26 12.69
CA GLY B 61 -27.17 -3.47 12.25
C GLY B 61 -27.44 -2.20 13.06
N ARG B 62 -26.69 -2.00 14.14
CA ARG B 62 -26.87 -0.83 14.98
C ARG B 62 -26.56 0.47 14.24
N LEU B 63 -25.60 0.42 13.32
CA LEU B 63 -25.32 1.55 12.44
C LEU B 63 -25.40 1.07 11.02
N THR B 64 -26.36 1.59 10.27
CA THR B 64 -26.48 1.29 8.85
C THR B 64 -26.38 2.60 8.09
N ILE B 65 -25.86 2.53 6.87
CA ILE B 65 -25.59 3.73 6.07
C ILE B 65 -26.11 3.49 4.65
N ARG B 66 -27.18 4.18 4.31
CA ARG B 66 -27.75 4.23 2.96
C ARG B 66 -26.85 5.13 2.09
N ILE B 67 -26.44 4.68 0.91
CA ILE B 67 -25.64 5.50 0.01
C ILE B 67 -26.49 6.07 -1.11
N ASP B 68 -26.38 7.38 -1.29
CA ASP B 68 -27.01 8.11 -2.38
C ASP B 68 -25.96 8.58 -3.37
N SER B 69 -26.07 8.09 -4.60
CA SER B 69 -25.17 8.51 -5.67
C SER B 69 -25.67 9.77 -6.35
N ALA B 70 -24.90 10.27 -7.29
CA ALA B 70 -25.14 11.61 -7.82
C ALA B 70 -26.42 11.67 -8.63
N ASN B 71 -26.91 10.51 -9.05
CA ASN B 71 -28.13 10.48 -9.86
C ASN B 71 -29.30 10.78 -8.95
N LYS B 72 -29.13 10.51 -7.66
CA LYS B 72 -30.22 10.60 -6.70
C LYS B 72 -30.26 11.93 -5.98
N HIS B 73 -29.11 12.43 -5.53
CA HIS B 73 -29.07 13.75 -4.86
C HIS B 73 -28.77 14.89 -5.83
N LYS B 74 -28.39 14.54 -7.07
CA LYS B 74 -28.22 15.50 -8.17
C LYS B 74 -27.21 16.61 -7.93
N SER B 75 -26.23 16.38 -7.07
CA SER B 75 -25.25 17.40 -6.76
C SER B 75 -23.89 16.77 -6.51
N ALA B 76 -23.23 16.37 -7.60
CA ALA B 76 -21.99 15.60 -7.52
C ALA B 76 -20.93 16.34 -6.74
N LEU B 77 -20.91 17.66 -6.87
CA LEU B 77 -19.94 18.50 -6.16
C LEU B 77 -20.61 19.28 -5.02
N GLY B 78 -21.76 18.79 -4.57
CA GLY B 78 -22.39 19.38 -3.39
C GLY B 78 -22.09 18.65 -2.09
N ILE B 79 -21.15 17.71 -2.11
CA ILE B 79 -20.99 16.78 -0.98
C ILE B 79 -20.52 17.52 0.31
N PHE B 80 -19.53 18.40 0.18
CA PHE B 80 -19.04 19.22 1.31
C PHE B 80 -20.16 19.90 2.10
N ASP B 81 -21.00 20.66 1.39
CA ASP B 81 -22.12 21.36 2.01
C ASP B 81 -23.17 20.39 2.58
N PHE B 82 -23.44 19.28 1.90
CA PHE B 82 -24.36 18.27 2.42
C PHE B 82 -23.91 17.77 3.79
N VAL B 83 -22.60 17.56 3.92
CA VAL B 83 -22.06 16.99 5.15
C VAL B 83 -21.91 18.09 6.22
N LYS B 84 -21.44 19.26 5.80
CA LYS B 84 -21.29 20.38 6.71
C LYS B 84 -22.63 20.69 7.38
N SER B 85 -23.68 20.72 6.57
CA SER B 85 -25.03 21.05 7.05
C SER B 85 -25.63 19.91 7.86
N GLY B 86 -25.22 18.69 7.60
CA GLY B 86 -25.78 17.54 8.29
C GLY B 86 -26.98 16.96 7.57
N GLN B 87 -27.34 17.56 6.44
CA GLN B 87 -28.35 16.97 5.56
C GLN B 87 -27.96 15.51 5.28
N TYR B 88 -26.67 15.24 5.11
CA TYR B 88 -26.16 13.88 5.05
C TYR B 88 -25.12 13.71 6.17
N GLN B 89 -25.15 12.59 6.87
CA GLN B 89 -24.15 12.33 7.92
C GLN B 89 -22.76 12.16 7.31
N GLY B 91 -20.15 11.61 3.55
CA GLY B 91 -19.88 11.75 2.15
C GLY B 91 -18.66 10.95 1.74
N HIS B 92 -18.61 10.64 0.44
CA HIS B 92 -17.43 10.06 -0.22
C HIS B 92 -17.12 10.88 -1.48
N SER B 93 -15.91 11.42 -1.54
CA SER B 93 -15.61 12.39 -2.56
C SER B 93 -14.10 12.56 -2.66
N ALA B 94 -13.63 13.75 -3.06
CA ALA B 94 -12.19 14.03 -2.96
C ALA B 94 -11.93 15.42 -2.42
N SER B 95 -10.94 15.51 -1.54
CA SER B 95 -10.68 16.73 -0.79
C SER B 95 -10.36 17.90 -1.76
N TYR B 96 -9.69 17.64 -2.87
CA TYR B 96 -9.25 18.75 -3.70
C TYR B 96 -10.36 19.35 -4.59
N TYR B 97 -11.57 18.78 -4.56
CA TYR B 97 -12.74 19.41 -5.19
C TYR B 97 -13.16 20.70 -4.45
N TRP B 98 -12.74 20.86 -3.20
CA TRP B 98 -13.19 21.95 -2.34
C TRP B 98 -12.19 23.09 -2.33
N LYS B 99 -11.36 23.11 -3.37
CA LYS B 99 -10.40 24.17 -3.64
C LYS B 99 -10.97 25.58 -3.41
N GLY B 100 -12.22 25.77 -3.81
CA GLY B 100 -12.89 27.06 -3.74
C GLY B 100 -13.42 27.43 -2.35
N LYS B 101 -13.58 26.44 -1.50
CA LYS B 101 -14.03 26.71 -0.14
C LYS B 101 -12.83 26.90 0.78
N ASP B 102 -11.70 26.30 0.39
CA ASP B 102 -10.45 26.44 1.12
C ASP B 102 -9.32 25.85 0.27
N PHE B 103 -8.33 26.67 -0.06
CA PHE B 103 -7.29 26.24 -1.00
C PHE B 103 -6.52 25.05 -0.41
N ASN B 104 -6.37 25.03 0.90
CA ASN B 104 -5.60 23.95 1.52
C ASN B 104 -6.17 22.54 1.34
N THR B 105 -7.44 22.42 0.93
CA THR B 105 -8.05 21.12 0.75
C THR B 105 -7.42 20.35 -0.40
N PHE B 107 -4.34 19.64 -0.83
CA PHE B 107 -3.07 18.99 -0.53
C PHE B 107 -3.31 17.66 0.19
N PHE B 108 -4.57 17.39 0.53
CA PHE B 108 -4.90 16.14 1.22
C PHE B 108 -5.47 15.06 0.27
N THR B 109 -5.40 15.34 -1.03
CA THR B 109 -5.71 14.33 -2.03
C THR B 109 -4.42 13.77 -2.63
N THR B 110 -3.65 14.65 -3.27
CA THR B 110 -2.36 14.30 -3.86
C THR B 110 -1.76 15.63 -4.36
N VAL B 111 -0.49 15.63 -4.75
CA VAL B 111 0.17 16.83 -5.25
C VAL B 111 1.03 16.43 -6.45
N PRO B 112 1.14 17.29 -7.47
CA PRO B 112 2.06 17.02 -8.57
C PRO B 112 3.48 16.69 -8.09
N PHE B 113 4.12 15.68 -8.67
CA PHE B 113 5.46 15.26 -8.31
C PHE B 113 5.54 14.87 -6.85
N GLY B 114 4.38 14.53 -6.30
CA GLY B 114 4.24 14.21 -4.90
C GLY B 114 4.49 12.74 -4.56
N THR B 116 3.93 8.68 -3.63
CA THR B 116 3.17 7.50 -4.04
C THR B 116 2.19 7.10 -2.93
N ALA B 117 1.28 6.15 -3.18
CA ALA B 117 0.31 5.77 -2.16
C ALA B 117 0.96 5.20 -0.86
N PRO B 118 1.92 4.25 -0.97
CA PRO B 118 2.50 3.72 0.27
C PRO B 118 3.18 4.84 1.07
N GLU B 119 3.84 5.73 0.38
CA GLU B 119 4.45 6.90 1.06
C GLU B 119 3.40 7.77 1.74
N GLN B 120 2.33 8.02 1.03
CA GLN B 120 1.32 8.94 1.53
C GLN B 120 0.50 8.35 2.69
N TYR B 121 0.25 7.04 2.65
CA TYR B 121 -0.43 6.39 3.79
C TYR B 121 0.48 6.48 5.01
N ALA B 122 1.76 6.29 4.79
CA ALA B 122 2.72 6.47 5.90
C ALA B 122 2.64 7.94 6.39
N TRP B 123 2.65 8.89 5.46
CA TRP B 123 2.46 10.30 5.85
C TRP B 123 1.18 10.52 6.66
N PHE B 124 0.04 10.01 6.19
CA PHE B 124 -1.25 10.25 6.83
C PHE B 124 -1.27 9.70 8.24
N TYR B 125 -0.90 8.43 8.36
CA TYR B 125 -1.09 7.71 9.61
C TYR B 125 0.09 7.77 10.57
N TYR B 126 1.30 8.03 10.06
CA TYR B 126 2.50 8.05 10.92
C TYR B 126 3.34 9.33 10.79
N GLY B 127 3.02 10.19 9.84
CA GLY B 127 3.89 11.32 9.54
C GLY B 127 3.26 12.69 9.80
N GLY B 128 2.08 12.71 10.39
CA GLY B 128 1.40 13.95 10.70
C GLY B 128 0.30 14.38 9.74
N GLY B 129 0.03 13.59 8.70
CA GLY B 129 -0.97 14.02 7.71
C GLY B 129 -2.41 14.12 8.20
N GLU B 131 -3.47 14.68 11.19
CA GLU B 131 -3.54 15.81 12.11
C GLU B 131 -3.61 17.13 11.34
N LEU B 132 -2.77 17.26 10.31
CA LEU B 132 -2.83 18.44 9.44
C LEU B 132 -4.18 18.55 8.72
N LYS B 134 -7.08 17.48 9.75
CA LYS B 134 -8.04 17.88 10.78
C LYS B 134 -7.93 19.37 11.09
N GLU B 135 -6.70 19.90 11.15
CA GLU B 135 -6.49 21.33 11.30
C GLU B 135 -7.26 22.09 10.24
N THR B 136 -7.30 21.57 9.01
CA THR B 136 -8.04 22.25 7.97
C THR B 136 -9.55 21.99 8.13
N TYR B 137 -9.99 20.75 8.30
CA TYR B 137 -11.43 20.49 8.24
C TYR B 137 -12.25 20.80 9.51
N ASP B 138 -11.59 20.83 10.66
CA ASP B 138 -12.28 21.06 11.94
C ASP B 138 -13.11 22.34 11.95
N GLN B 139 -12.62 23.36 11.28
CA GLN B 139 -13.32 24.64 11.28
C GLN B 139 -14.57 24.65 10.40
N TYR B 140 -14.92 23.51 9.81
CA TYR B 140 -16.13 23.42 9.01
C TYR B 140 -17.09 22.40 9.60
N GLY B 141 -16.79 21.89 10.79
CA GLY B 141 -17.64 20.90 11.42
C GLY B 141 -17.64 19.56 10.70
N ILE B 142 -16.52 19.28 10.01
CA ILE B 142 -16.35 18.04 9.24
C ILE B 142 -15.11 17.28 9.68
N LEU B 143 -15.29 15.97 9.79
CA LEU B 143 -14.18 15.05 9.95
C LEU B 143 -13.85 14.43 8.62
N SER B 144 -12.58 14.51 8.21
CA SER B 144 -12.15 14.00 6.92
C SER B 144 -11.19 12.84 7.15
N PHE B 145 -11.35 11.78 6.34
CA PHE B 145 -10.53 10.56 6.41
C PHE B 145 -10.16 10.11 5.01
N PRO B 146 -8.97 9.50 4.87
CA PRO B 146 -8.60 8.81 3.63
C PRO B 146 -9.73 7.89 3.19
N GLY B 147 -10.06 7.98 1.89
CA GLY B 147 -11.21 7.24 1.35
C GLY B 147 -10.92 6.32 0.19
N GLY B 148 -9.64 6.10 -0.09
CA GLY B 148 -9.18 5.11 -1.05
C GLY B 148 -8.21 5.70 -2.05
N ASN B 149 -7.10 5.03 -2.29
CA ASN B 149 -6.12 5.55 -3.24
C ASN B 149 -6.22 4.86 -4.61
N THR B 150 -6.12 5.64 -5.67
CA THR B 150 -6.08 5.10 -7.02
C THR B 150 -4.73 4.53 -7.43
N GLY B 151 -3.69 4.94 -6.72
CA GLY B 151 -2.33 4.73 -7.21
C GLY B 151 -2.00 5.78 -8.24
N VAL B 152 -0.92 5.55 -9.00
CA VAL B 152 -0.43 6.51 -9.97
C VAL B 152 -1.40 6.67 -11.12
N GLN B 153 -1.77 7.91 -11.40
CA GLN B 153 -2.67 8.26 -12.48
C GLN B 153 -1.93 8.60 -13.78
N GLY B 155 -1.62 11.00 -17.34
CA GLY B 155 -1.58 12.44 -17.55
C GLY B 155 -2.83 12.96 -18.29
N GLY B 156 -3.53 12.05 -18.92
CA GLY B 156 -4.80 12.38 -19.50
C GLY B 156 -4.91 12.04 -20.97
N TRP B 157 -6.01 12.52 -21.54
CA TRP B 157 -6.46 12.18 -22.88
C TRP B 157 -6.45 13.44 -23.71
N PHE B 158 -5.76 13.39 -24.84
CA PHE B 158 -5.58 14.56 -25.67
C PHE B 158 -6.01 14.35 -27.14
N ARG B 159 -6.59 15.40 -27.70
CA ARG B 159 -6.91 15.42 -29.14
C ARG B 159 -5.67 15.57 -30.00
N LYS B 160 -4.74 16.43 -29.57
CA LYS B 160 -3.45 16.62 -30.24
C LYS B 160 -2.29 16.40 -29.29
N GLU B 161 -1.20 15.86 -29.81
CA GLU B 161 0.02 15.71 -29.03
C GLU B 161 0.54 17.05 -28.51
N ILE B 162 1.14 17.03 -27.34
CA ILE B 162 1.80 18.18 -26.74
C ILE B 162 3.32 18.09 -26.92
N ASN B 163 3.88 18.87 -27.83
CA ASN B 163 5.31 18.75 -28.12
C ASN B 163 6.15 19.89 -27.58
N THR B 164 5.51 21.00 -27.25
CA THR B 164 6.20 22.15 -26.71
C THR B 164 5.33 22.75 -25.63
N VAL B 165 5.95 23.56 -24.77
CA VAL B 165 5.21 24.34 -23.79
C VAL B 165 4.11 25.13 -24.48
N GLU B 166 4.41 25.66 -25.66
CA GLU B 166 3.47 26.50 -26.40
C GLU B 166 2.11 25.80 -26.54
N ASP B 167 2.15 24.53 -26.91
CA ASP B 167 0.94 23.72 -27.11
C ASP B 167 -0.04 23.66 -25.92
N LEU B 168 0.43 24.06 -24.73
CA LEU B 168 -0.45 24.12 -23.56
C LEU B 168 -1.17 25.45 -23.46
N LYS B 169 -0.65 26.44 -24.17
CA LYS B 169 -1.20 27.77 -24.05
C LYS B 169 -2.58 27.79 -24.66
N GLY B 170 -3.55 28.17 -23.85
CA GLY B 170 -4.92 28.25 -24.29
C GLY B 170 -5.67 26.93 -24.18
N LEU B 171 -4.95 25.85 -23.91
CA LEU B 171 -5.55 24.51 -23.85
C LEU B 171 -6.64 24.40 -22.77
N LYS B 172 -7.86 24.11 -23.20
CA LYS B 172 -8.98 23.98 -22.26
C LYS B 172 -8.96 22.55 -21.80
N ARG B 174 -9.91 19.62 -18.54
CA ARG B 174 -10.46 19.27 -17.24
C ARG B 174 -9.33 18.67 -16.44
N ILE B 175 -8.94 19.29 -15.34
CA ILE B 175 -7.83 18.82 -14.53
C ILE B 175 -7.97 19.49 -13.17
N PRO B 176 -8.19 18.69 -12.10
CA PRO B 176 -8.52 19.20 -10.76
C PRO B 176 -7.30 19.55 -9.91
N GLY B 177 -7.52 20.17 -8.75
CA GLY B 177 -6.50 20.31 -7.72
C GLY B 177 -5.29 21.18 -8.06
N PHE B 178 -4.17 20.92 -7.39
CA PHE B 178 -2.99 21.75 -7.58
C PHE B 178 -2.44 21.60 -9.00
N ALA B 179 -2.70 20.47 -9.65
CA ALA B 179 -2.23 20.27 -11.03
C ALA B 179 -2.84 21.31 -11.98
N GLY B 180 -4.13 21.54 -11.87
CA GLY B 180 -4.78 22.60 -12.60
C GLY B 180 -4.06 23.93 -12.43
N GLU B 181 -3.68 24.27 -11.20
CA GLU B 181 -2.98 25.55 -10.97
C GLU B 181 -1.59 25.58 -11.67
N VAL B 182 -0.90 24.46 -11.75
CA VAL B 182 0.35 24.41 -12.48
C VAL B 182 0.07 24.64 -13.97
N LEU B 183 -0.98 24.01 -14.50
CA LEU B 183 -1.26 24.17 -15.92
C LEU B 183 -1.66 25.63 -16.20
N ALA B 184 -2.48 26.22 -15.34
CA ALA B 184 -2.88 27.59 -15.55
C ALA B 184 -1.64 28.50 -15.59
N LYS B 185 -0.67 28.26 -14.70
CA LYS B 185 0.52 29.12 -14.67
C LYS B 185 1.31 29.03 -15.98
N LEU B 186 1.19 27.92 -16.69
CA LEU B 186 1.91 27.76 -17.97
C LEU B 186 1.07 28.19 -19.18
N GLY B 187 -0.14 28.70 -18.92
CA GLY B 187 -0.96 29.29 -19.97
C GLY B 187 -2.17 28.47 -20.42
N ALA B 188 -2.40 27.32 -19.81
CA ALA B 188 -3.58 26.52 -20.11
C ALA B 188 -4.78 27.04 -19.33
N SER B 189 -5.99 26.62 -19.72
CA SER B 189 -7.22 27.07 -19.04
C SER B 189 -7.90 25.88 -18.39
N PRO B 190 -7.54 25.58 -17.13
CA PRO B 190 -8.19 24.45 -16.45
C PRO B 190 -9.66 24.64 -16.17
N THR B 191 -10.31 23.51 -15.87
CA THR B 191 -11.66 23.47 -15.31
C THR B 191 -11.81 22.22 -14.44
N ASN B 192 -12.91 22.12 -13.69
CA ASN B 192 -13.30 20.85 -13.05
C ASN B 192 -14.77 20.59 -13.30
N ILE B 193 -15.04 19.63 -14.17
CA ILE B 193 -16.39 19.18 -14.45
C ILE B 193 -16.63 17.86 -13.72
N PRO B 194 -17.89 17.59 -13.31
CA PRO B 194 -18.09 16.31 -12.63
C PRO B 194 -17.83 15.14 -13.56
N SER B 195 -17.45 14.02 -12.95
CA SER B 195 -17.29 12.74 -13.63
C SER B 195 -18.25 12.50 -14.81
N ALA B 196 -19.51 12.91 -14.68
CA ALA B 196 -20.56 12.39 -15.55
C ALA B 196 -20.65 13.06 -16.93
N GLU B 197 -20.15 14.28 -17.08
CA GLU B 197 -20.28 14.96 -18.37
C GLU B 197 -18.94 15.29 -19.06
N LEU B 198 -17.88 14.58 -18.68
CA LEU B 198 -16.59 14.75 -19.36
C LEU B 198 -16.68 14.38 -20.84
N TYR B 199 -17.27 13.21 -21.13
CA TYR B 199 -17.29 12.78 -22.51
C TYR B 199 -18.07 13.78 -23.37
N THR B 200 -19.27 14.07 -22.92
CA THR B 200 -20.13 15.03 -23.60
C THR B 200 -19.40 16.35 -23.81
N ALA B 201 -18.68 16.81 -22.79
CA ALA B 201 -17.97 18.10 -22.86
C ALA B 201 -16.81 18.02 -23.87
N LEU B 202 -16.23 16.84 -23.99
CA LEU B 202 -15.18 16.58 -24.95
C LEU B 202 -15.82 16.58 -26.34
N GLU B 203 -16.98 15.93 -26.40
CA GLU B 203 -17.71 15.76 -27.65
C GLU B 203 -18.13 17.11 -28.24
N ARG B 204 -18.67 17.98 -27.40
N ARG B 204 -18.66 17.98 -27.40
CA ARG B 204 -19.17 19.27 -27.86
CA ARG B 204 -19.17 19.26 -27.86
C ARG B 204 -18.08 20.35 -27.85
C ARG B 204 -18.09 20.34 -27.82
N ASN B 205 -16.83 19.89 -27.87
CA ASN B 205 -15.66 20.78 -27.93
C ASN B 205 -15.62 21.90 -26.89
N THR B 206 -16.28 21.66 -25.75
CA THR B 206 -16.15 22.49 -24.57
C THR B 206 -14.71 22.46 -24.02
N ILE B 207 -14.17 21.26 -23.87
CA ILE B 207 -12.76 21.09 -23.51
C ILE B 207 -12.11 20.38 -24.67
N ASP B 208 -10.79 20.50 -24.76
CA ASP B 208 -10.01 19.78 -25.77
C ASP B 208 -9.12 18.69 -25.16
N ALA B 209 -9.16 18.56 -23.84
CA ALA B 209 -8.36 17.56 -23.14
C ALA B 209 -8.87 17.42 -21.72
N LEU B 210 -8.43 16.34 -21.09
CA LEU B 210 -8.85 16.01 -19.74
C LEU B 210 -8.02 14.89 -19.14
N GLU B 211 -8.02 14.83 -17.82
CA GLU B 211 -7.53 13.65 -17.13
C GLU B 211 -8.64 13.18 -16.23
N TRP B 212 -8.66 11.87 -15.98
CA TRP B 212 -9.64 11.28 -15.10
C TRP B 212 -8.89 10.41 -14.10
N VAL B 213 -8.58 9.15 -14.44
CA VAL B 213 -7.80 8.30 -13.52
C VAL B 213 -6.66 7.51 -14.21
N GLY B 214 -7.01 6.47 -14.93
CA GLY B 214 -6.00 5.58 -15.47
C GLY B 214 -6.70 4.42 -16.07
N PRO B 215 -5.94 3.38 -16.44
CA PRO B 215 -6.48 2.24 -17.17
C PRO B 215 -7.63 1.57 -16.40
N SER B 216 -7.61 1.60 -15.07
CA SER B 216 -8.66 0.96 -14.24
C SER B 216 -10.07 1.48 -14.53
N LEU B 217 -10.19 2.74 -14.97
CA LEU B 217 -11.49 3.39 -15.10
C LEU B 217 -11.65 4.23 -16.36
N ASP B 218 -10.58 4.47 -17.09
CA ASP B 218 -10.64 5.47 -18.17
C ASP B 218 -11.34 4.98 -19.45
N LEU B 219 -11.13 3.71 -19.75
CA LEU B 219 -11.53 3.19 -21.04
C LEU B 219 -13.04 3.12 -21.18
N ARG B 220 -13.68 2.65 -20.13
CA ARG B 220 -15.12 2.58 -20.13
C ARG B 220 -15.82 3.92 -20.35
N GLY B 222 -14.99 6.23 -22.59
CA GLY B 222 -15.06 6.47 -24.02
C GLY B 222 -14.22 7.60 -24.57
N PHE B 223 -13.32 8.15 -23.76
CA PHE B 223 -12.54 9.32 -24.17
C PHE B 223 -11.76 9.04 -25.43
N HIS B 224 -11.27 7.80 -25.51
CA HIS B 224 -10.37 7.34 -26.56
C HIS B 224 -10.96 7.52 -27.97
N LYS B 225 -12.29 7.53 -28.06
CA LYS B 225 -12.98 7.70 -29.34
C LYS B 225 -12.76 9.08 -29.94
N ILE B 226 -12.49 10.06 -29.09
CA ILE B 226 -12.38 11.46 -29.52
C ILE B 226 -10.98 12.00 -29.33
N ALA B 227 -10.31 11.51 -28.30
CA ALA B 227 -9.01 12.02 -27.91
C ALA B 227 -8.08 10.84 -27.75
N PRO B 228 -7.34 10.48 -28.80
CA PRO B 228 -6.66 9.19 -28.80
C PRO B 228 -5.27 9.17 -28.14
N TYR B 229 -4.70 10.34 -27.89
CA TYR B 229 -3.41 10.41 -27.25
C TYR B 229 -3.58 10.32 -25.73
N TYR B 230 -2.94 9.30 -25.15
CA TYR B 230 -3.04 8.94 -23.72
C TYR B 230 -1.70 9.14 -23.06
N TYR B 231 -1.57 10.24 -22.35
CA TYR B 231 -0.31 10.65 -21.76
C TYR B 231 -0.08 10.03 -20.41
N THR B 232 1.17 9.65 -20.16
CA THR B 232 1.59 9.22 -18.84
C THR B 232 1.58 10.41 -17.91
N GLY B 233 1.62 10.15 -16.61
CA GLY B 233 1.28 11.13 -15.63
C GLY B 233 2.45 11.88 -15.03
N TRP B 234 2.14 12.54 -13.94
CA TRP B 234 3.05 13.36 -13.15
C TRP B 234 2.22 14.11 -12.11
N GLN B 235 0.99 14.43 -12.46
CA GLN B 235 0.21 15.36 -11.68
C GLN B 235 -0.60 14.74 -10.53
N GLU B 236 -0.91 13.45 -10.63
CA GLU B 236 -1.64 12.74 -9.58
C GLU B 236 -0.95 11.40 -9.30
N PRO B 237 0.17 11.43 -8.53
CA PRO B 237 0.89 10.17 -8.30
C PRO B 237 0.16 9.24 -7.33
N ALA B 238 -0.76 9.78 -6.53
CA ALA B 238 -1.45 8.98 -5.53
C ALA B 238 -2.70 9.66 -5.00
N THR B 239 -3.72 9.77 -5.84
CA THR B 239 -5.00 10.38 -5.47
C THR B 239 -5.70 9.62 -4.36
N GLU B 240 -5.84 10.27 -3.20
CA GLU B 240 -6.53 9.66 -2.07
C GLU B 240 -7.92 10.26 -2.11
N LEU B 241 -8.95 9.41 -2.16
CA LEU B 241 -10.33 9.89 -2.04
C LEU B 241 -10.58 10.25 -0.59
N GLN B 242 -11.81 10.63 -0.31
CA GLN B 242 -12.13 11.21 1.00
C GLN B 242 -13.46 10.72 1.52
N PHE B 243 -13.49 10.30 2.78
CA PHE B 243 -14.76 10.16 3.51
C PHE B 243 -14.88 11.42 4.34
N VAL B 245 -17.37 13.06 7.51
CA VAL B 245 -18.40 12.77 8.52
C VAL B 245 -18.75 14.06 9.23
N ASN B 246 -20.05 14.34 9.33
CA ASN B 246 -20.54 15.50 10.05
C ASN B 246 -20.12 15.35 11.53
N GLN B 247 -19.56 16.40 12.11
CA GLN B 247 -19.01 16.31 13.48
C GLN B 247 -20.11 15.96 14.49
N LYS B 248 -21.22 16.68 14.39
CA LYS B 248 -22.37 16.43 15.25
C LYS B 248 -22.85 14.99 15.09
N ALA B 249 -22.90 14.49 13.86
CA ALA B 249 -23.34 13.12 13.66
C ALA B 249 -22.35 12.17 14.31
N TYR B 250 -21.07 12.40 14.05
CA TYR B 250 -20.05 11.54 14.63
C TYR B 250 -20.20 11.51 16.16
N ASP B 251 -20.43 12.67 16.75
CA ASP B 251 -20.46 12.71 18.21
C ASP B 251 -21.72 12.07 18.80
N SER B 252 -22.75 11.86 17.99
CA SER B 252 -23.98 11.24 18.47
C SER B 252 -23.79 9.77 18.67
N LEU B 253 -22.74 9.24 18.07
CA LEU B 253 -22.47 7.82 18.17
C LEU B 253 -21.75 7.50 19.45
N PRO B 254 -22.08 6.34 20.06
CA PRO B 254 -21.30 5.80 21.15
C PRO B 254 -19.92 5.34 20.71
N ALA B 255 -19.00 5.23 21.67
CA ALA B 255 -17.58 5.04 21.33
C ALA B 255 -17.30 3.79 20.50
N ASP B 256 -17.94 2.65 20.79
CA ASP B 256 -17.68 1.46 20.01
C ASP B 256 -18.14 1.60 18.53
N LEU B 257 -19.31 2.17 18.26
CA LEU B 257 -19.70 2.46 16.89
C LEU B 257 -18.83 3.53 16.23
N GLN B 258 -18.29 4.48 17.01
CA GLN B 258 -17.39 5.46 16.41
C GLN B 258 -16.18 4.73 15.87
N LYS B 259 -15.65 3.77 16.64
CA LYS B 259 -14.46 3.06 16.24
C LYS B 259 -14.71 2.11 15.06
N ILE B 260 -15.83 1.42 15.11
CA ILE B 260 -16.27 0.59 13.99
C ILE B 260 -16.25 1.43 12.72
N LEU B 261 -16.79 2.64 12.81
CA LEU B 261 -16.88 3.53 11.67
C LEU B 261 -15.50 3.94 11.15
N THR B 262 -14.59 4.30 12.07
CA THR B 262 -13.31 4.85 11.62
C THR B 262 -12.47 3.70 11.06
N VAL B 263 -12.60 2.52 11.65
CA VAL B 263 -11.85 1.38 11.19
C VAL B 263 -12.37 0.97 9.81
N ALA B 264 -13.67 0.97 9.65
CA ALA B 264 -14.28 0.61 8.37
C ALA B 264 -13.79 1.54 7.24
N LYS B 266 -10.99 3.35 7.12
CA LYS B 266 -9.59 3.08 6.91
C LYS B 266 -9.37 1.82 6.08
N THR B 267 -10.07 0.76 6.45
CA THR B 267 -10.01 -0.53 5.74
C THR B 267 -10.49 -0.40 4.29
N ALA B 268 -11.65 0.22 4.09
CA ALA B 268 -12.19 0.39 2.74
C ALA B 268 -11.23 1.18 1.88
N ALA B 269 -10.60 2.21 2.44
CA ALA B 269 -9.62 3.01 1.73
C ALA B 269 -8.41 2.17 1.29
N TYR B 270 -7.79 1.45 2.24
CA TYR B 270 -6.67 0.58 1.87
C TYR B 270 -7.04 -0.45 0.76
N ASP B 271 -8.19 -1.10 0.90
CA ASP B 271 -8.67 -2.08 -0.08
C ASP B 271 -8.89 -1.47 -1.45
N TYR B 273 -7.04 0.88 -2.80
CA TYR B 273 -5.72 0.90 -3.46
C TYR B 273 -5.44 -0.52 -3.97
N SER B 274 -5.65 -1.56 -3.18
CA SER B 274 -5.40 -2.90 -3.65
C SER B 274 -6.26 -3.21 -4.91
N GLN B 275 -7.50 -2.73 -4.90
CA GLN B 275 -8.43 -2.96 -6.02
C GLN B 275 -7.99 -2.21 -7.23
N SER B 276 -7.58 -0.94 -7.04
CA SER B 276 -7.08 -0.13 -8.12
C SER B 276 -5.86 -0.76 -8.77
N THR B 277 -4.95 -1.24 -7.95
CA THR B 277 -3.76 -1.94 -8.47
C THR B 277 -4.17 -3.17 -9.31
N HIS B 278 -5.03 -4.00 -8.74
CA HIS B 278 -5.55 -5.16 -9.44
C HIS B 278 -6.09 -4.81 -10.81
N GLU B 279 -6.94 -3.78 -10.85
CA GLU B 279 -7.69 -3.48 -12.07
C GLU B 279 -6.86 -2.71 -13.09
N ASN B 280 -5.91 -1.91 -12.60
CA ASN B 280 -4.92 -1.32 -13.46
C ASN B 280 -4.11 -2.41 -14.19
N GLY B 281 -3.76 -3.46 -13.47
CA GLY B 281 -3.05 -4.56 -14.09
C GLY B 281 -3.90 -5.27 -15.14
N VAL B 282 -5.14 -5.58 -14.80
CA VAL B 282 -6.07 -6.24 -15.72
C VAL B 282 -6.24 -5.40 -16.98
N ASN B 283 -6.61 -4.14 -16.79
CA ASN B 283 -6.89 -3.29 -17.94
C ASN B 283 -5.72 -2.82 -18.79
N LEU B 284 -4.52 -2.66 -18.20
CA LEU B 284 -3.36 -2.36 -19.02
C LEU B 284 -3.07 -3.49 -19.97
N LYS B 285 -3.21 -4.72 -19.50
CA LYS B 285 -2.86 -5.88 -20.32
C LYS B 285 -3.73 -5.92 -21.56
N ALA B 286 -5.00 -5.55 -21.38
CA ALA B 286 -5.95 -5.61 -22.47
C ALA B 286 -5.92 -4.38 -23.36
N LEU B 287 -5.30 -3.28 -22.91
CA LEU B 287 -5.43 -1.98 -23.57
C LEU B 287 -4.99 -2.02 -25.03
N GLN B 288 -3.79 -2.50 -25.31
CA GLN B 288 -3.28 -2.61 -26.68
C GLN B 288 -4.24 -3.40 -27.58
N SER B 289 -4.65 -4.57 -27.11
CA SER B 289 -5.48 -5.48 -27.90
C SER B 289 -6.83 -4.89 -28.19
N GLU B 290 -7.45 -4.33 -27.15
CA GLU B 290 -8.86 -3.98 -27.24
C GLU B 290 -9.13 -2.55 -27.67
N TYR B 291 -8.11 -1.71 -27.58
CA TYR B 291 -8.22 -0.30 -28.02
C TYR B 291 -6.98 0.08 -28.83
N PRO B 292 -6.87 -0.45 -30.05
CA PRO B 292 -5.69 -0.23 -30.90
C PRO B 292 -5.52 1.21 -31.35
N ASN B 293 -6.59 1.97 -31.35
CA ASN B 293 -6.48 3.39 -31.66
C ASN B 293 -5.88 4.27 -30.54
N VAL B 294 -5.74 3.74 -29.32
CA VAL B 294 -5.08 4.54 -28.28
C VAL B 294 -3.57 4.63 -28.53
N LYS B 295 -3.05 5.85 -28.45
CA LYS B 295 -1.65 6.14 -28.68
C LYS B 295 -1.04 6.68 -27.40
N ILE B 296 -0.32 5.81 -26.68
CA ILE B 296 0.38 6.18 -25.46
C ILE B 296 1.53 7.14 -25.76
N ARG B 297 1.63 8.20 -24.97
CA ARG B 297 2.63 9.27 -25.15
C ARG B 297 3.15 9.77 -23.78
N THR B 298 4.29 10.43 -23.79
CA THR B 298 4.86 11.06 -22.60
C THR B 298 5.24 12.45 -23.04
N PHE B 299 4.89 13.46 -22.26
CA PHE B 299 5.35 14.80 -22.56
C PHE B 299 6.86 14.84 -22.78
N PRO B 300 7.31 15.57 -23.83
CA PRO B 300 8.74 15.76 -24.08
C PRO B 300 9.47 16.30 -22.86
N GLN B 301 10.73 15.91 -22.70
CA GLN B 301 11.54 16.30 -21.54
C GLN B 301 11.61 17.80 -21.29
N PRO B 302 11.72 18.60 -22.37
CA PRO B 302 11.68 20.06 -22.17
C PRO B 302 10.37 20.55 -21.58
N VAL B 303 9.27 19.93 -21.98
CA VAL B 303 7.97 20.23 -21.34
C VAL B 303 7.95 19.82 -19.86
N ASN B 305 10.54 19.53 -17.84
CA ASN B 305 11.38 20.54 -17.18
C ASN B 305 10.56 21.79 -16.86
N ALA B 306 9.71 22.22 -17.79
CA ALA B 306 8.95 23.47 -17.60
C ALA B 306 7.85 23.25 -16.55
N ILE B 307 7.16 22.13 -16.62
CA ILE B 307 6.13 21.81 -15.64
C ILE B 307 6.74 21.68 -14.22
N ARG B 308 7.88 21.01 -14.15
CA ARG B 308 8.60 20.89 -12.89
C ARG B 308 8.94 22.25 -12.25
N ASP B 309 9.61 23.12 -13.02
CA ASP B 309 9.90 24.49 -12.58
C ASP B 309 8.63 25.20 -12.15
N ALA B 310 7.60 25.09 -12.97
CA ALA B 310 6.34 25.76 -12.71
C ALA B 310 5.74 25.31 -11.38
N ASN B 311 5.79 24.01 -11.11
CA ASN B 311 5.27 23.50 -9.83
C ASN B 311 6.10 23.99 -8.66
N ASP B 312 7.42 23.96 -8.81
CA ASP B 312 8.32 24.48 -7.79
C ASP B 312 7.97 25.93 -7.49
N GLU B 313 7.79 26.72 -8.54
CA GLU B 313 7.47 28.15 -8.38
C GLU B 313 6.14 28.37 -7.65
N LEU B 314 5.11 27.63 -8.05
CA LEU B 314 3.78 27.83 -7.49
C LEU B 314 3.73 27.42 -6.03
N LEU B 315 4.48 26.37 -5.70
CA LEU B 315 4.54 25.93 -4.32
C LEU B 315 5.05 27.04 -3.42
N ALA B 316 6.08 27.76 -3.89
CA ALA B 316 6.64 28.88 -3.14
C ALA B 316 5.62 30.00 -3.06
N GLU B 317 4.96 30.25 -4.18
CA GLU B 317 3.98 31.32 -4.23
C GLU B 317 2.81 31.02 -3.30
N PHE B 318 2.32 29.79 -3.30
CA PHE B 318 1.21 29.44 -2.43
C PHE B 318 1.61 29.45 -0.97
N ALA B 319 2.85 29.05 -0.68
CA ALA B 319 3.30 29.06 0.69
C ALA B 319 3.42 30.49 1.21
N ALA B 320 3.79 31.43 0.35
CA ALA B 320 3.97 32.81 0.80
C ALA B 320 2.65 33.51 1.10
N LYS B 321 1.52 32.93 0.71
CA LYS B 321 0.21 33.59 0.85
C LYS B 321 -0.46 33.37 2.19
N ASP B 322 -0.02 32.33 2.89
CA ASP B 322 -0.76 31.82 4.03
C ASP B 322 0.15 30.95 4.87
N LYS B 323 0.18 31.20 6.18
CA LYS B 323 1.07 30.48 7.07
C LYS B 323 0.68 28.98 7.15
N GLU B 324 -0.62 28.70 7.20
CA GLU B 324 -1.08 27.30 7.21
C GLU B 324 -0.71 26.58 5.91
N THR B 325 -0.85 27.25 4.77
CA THR B 325 -0.40 26.64 3.54
C THR B 325 1.10 26.29 3.60
N ALA B 326 1.92 27.22 4.07
CA ALA B 326 3.34 27.02 4.12
C ALA B 326 3.66 25.79 4.97
N LYS B 327 2.90 25.65 6.06
CA LYS B 327 3.10 24.56 7.01
C LYS B 327 2.72 23.21 6.37
N ILE B 328 1.56 23.16 5.72
CA ILE B 328 1.16 21.93 5.04
C ILE B 328 2.22 21.54 4.03
N LEU B 329 2.67 22.50 3.24
CA LEU B 329 3.61 22.23 2.15
C LEU B 329 4.97 21.86 2.70
N LYS B 330 5.37 22.47 3.81
CA LYS B 330 6.64 22.14 4.40
C LYS B 330 6.62 20.69 4.94
N SER B 331 5.50 20.28 5.55
CA SER B 331 5.36 18.91 6.01
C SER B 331 5.41 17.88 4.89
N ILE B 332 4.69 18.13 3.79
CA ILE B 332 4.71 17.24 2.64
C ILE B 332 6.09 17.18 2.06
N LYS B 333 6.73 18.34 1.85
CA LYS B 333 8.07 18.37 1.27
C LYS B 333 9.03 17.55 2.13
N THR B 334 9.02 17.84 3.42
CA THR B 334 9.96 17.22 4.35
C THR B 334 9.74 15.71 4.45
N TYR B 335 8.49 15.32 4.61
CA TYR B 335 8.21 13.91 4.75
C TYR B 335 8.51 13.15 3.44
N GLN B 336 8.04 13.68 2.32
CA GLN B 336 8.35 13.08 1.02
C GLN B 336 9.86 12.92 0.79
N GLU B 337 10.68 13.94 1.05
CA GLU B 337 12.15 13.80 0.94
C GLU B 337 12.67 12.58 1.70
N GLN B 338 12.20 12.41 2.92
CA GLN B 338 12.65 11.31 3.74
C GLN B 338 12.17 9.95 3.24
N VAL B 339 10.88 9.84 2.93
CA VAL B 339 10.33 8.53 2.59
C VAL B 339 10.70 8.14 1.13
N ARG B 340 10.82 9.12 0.23
CA ARG B 340 11.21 8.82 -1.14
C ARG B 340 12.63 8.29 -1.23
N ALA B 341 13.49 8.70 -0.30
CA ALA B 341 14.85 8.21 -0.28
C ALA B 341 14.82 6.69 -0.14
N TRP B 342 13.94 6.20 0.76
CA TRP B 342 13.74 4.76 0.94
C TRP B 342 13.15 4.11 -0.31
N THR B 343 12.11 4.70 -0.86
CA THR B 343 11.45 4.15 -2.05
C THR B 343 12.43 3.99 -3.20
N LYS B 344 13.33 4.96 -3.36
CA LYS B 344 14.31 4.86 -4.41
C LYS B 344 15.38 3.79 -4.08
N PHE B 345 15.85 3.79 -2.83
CA PHE B 345 16.89 2.90 -2.35
C PHE B 345 16.44 1.43 -2.39
N ALA B 346 15.16 1.22 -2.12
CA ALA B 346 14.62 -0.13 -1.99
C ALA B 346 13.77 -0.48 -3.21
N ASP B 347 12.54 0.02 -3.25
CA ASP B 347 11.58 -0.39 -4.29
C ASP B 347 12.10 -0.13 -5.73
N GLN B 348 12.59 1.08 -6.02
CA GLN B 348 12.98 1.39 -7.40
C GLN B 348 14.18 0.52 -7.80
N ALA B 349 15.13 0.38 -6.89
CA ALA B 349 16.33 -0.41 -7.16
C ALA B 349 15.94 -1.87 -7.43
N TYR B 350 14.97 -2.33 -6.68
CA TYR B 350 14.50 -3.72 -6.83
C TYR B 350 13.84 -3.91 -8.19
N LEU B 351 12.94 -2.99 -8.56
CA LEU B 351 12.28 -3.07 -9.85
C LEU B 351 13.28 -2.97 -11.02
N GLU B 352 14.27 -2.11 -10.87
CA GLU B 352 15.27 -1.95 -11.91
C GLU B 352 16.26 -3.12 -11.97
N SER B 353 16.38 -3.89 -10.90
CA SER B 353 17.27 -5.03 -10.87
C SER B 353 16.96 -6.18 -11.83
N PHE B 354 15.70 -6.37 -12.22
CA PHE B 354 15.31 -7.40 -13.19
C PHE B 354 15.93 -7.07 -14.61
N GLU B 355 15.22 -7.10 -15.75
CA GLU B 355 13.77 -7.08 -15.95
C GLU B 355 13.33 -8.02 -17.08
#